data_7HFC
#
_entry.id   7HFC
#
_cell.length_a   88.713
_cell.length_b   88.713
_cell.length_c   39.599
_cell.angle_alpha   90.000
_cell.angle_beta   90.000
_cell.angle_gamma   90.000
#
_symmetry.space_group_name_H-M   'P 43'
#
loop_
_entity.id
_entity.type
_entity.pdbx_description
1 polymer 'Non-structural protein 3'
2 non-polymer 2-[(2R)-3,3-dimethyl-1-(7H-pyrrolo[2,3-d]pyrimidin-4-yl)pyrrolidin-2-yl]propan-2-ol
3 non-polymer 2-[(2S)-3,3-dimethyl-1-(7H-pyrrolo[2,3-d]pyrimidin-4-yl)pyrrolidin-2-yl]propan-2-ol
4 water water
#
_entity_poly.entity_id   1
_entity_poly.type   'polypeptide(L)'
_entity_poly.pdbx_seq_one_letter_code
;SMVNSFSGYLKLTDNVYIKNADIVEEAKKVKPTVVVNAANVYLKHGGGVAGALNKATNNAMQVESDDYIATNGPLKVGGS
CVLSGHNLAKHCLHVVGPNVNKGEDIQLLKSAYENFNQHEVLLAPLLSAGIFGADPIHSLRVCVDTVRTNVYLAVFDKNL
YDKLVSSFL
;
_entity_poly.pdbx_strand_id   A,B
#
# COMPACT_ATOMS: atom_id res chain seq x y z
N VAL A 3 0.74 13.32 20.20
N VAL A 3 0.78 13.39 20.24
CA VAL A 3 1.76 14.31 19.91
CA VAL A 3 1.83 14.36 19.98
C VAL A 3 3.02 13.65 19.37
C VAL A 3 3.06 13.67 19.40
N ASN A 4 3.58 14.23 18.31
CA ASN A 4 4.82 13.75 17.70
C ASN A 4 5.75 14.94 17.49
N SER A 5 6.96 14.65 16.99
CA SER A 5 8.04 15.63 16.95
C SER A 5 8.15 16.35 15.61
N PHE A 6 7.23 16.11 14.69
N PHE A 6 7.22 16.13 14.69
CA PHE A 6 7.22 16.83 13.42
CA PHE A 6 7.26 16.86 13.42
C PHE A 6 6.85 18.29 13.66
C PHE A 6 6.96 18.33 13.67
N SER A 7 7.60 19.19 13.03
N SER A 7 7.81 19.22 13.16
CA SER A 7 7.48 20.63 13.31
CA SER A 7 7.79 20.63 13.51
C SER A 7 7.41 21.42 12.00
C SER A 7 7.55 21.47 12.26
N GLY A 8 6.61 22.48 12.01
N GLY A 8 6.65 22.43 12.37
CA GLY A 8 6.57 23.40 10.89
CA GLY A 8 6.44 23.40 11.31
C GLY A 8 5.73 22.96 9.71
C GLY A 8 5.60 22.93 10.16
N TYR A 9 4.84 21.98 9.89
N TYR A 9 4.91 21.80 10.29
CA TYR A 9 3.98 21.52 8.81
CA TYR A 9 4.10 21.29 9.20
C TYR A 9 2.69 22.31 8.75
C TYR A 9 2.77 22.03 9.12
N LEU A 10 2.14 22.40 7.54
N LEU A 10 2.43 22.47 7.91
CA LEU A 10 0.80 22.89 7.31
CA LEU A 10 1.11 22.99 7.64
C LEU A 10 -0.14 21.70 7.30
C LEU A 10 0.13 21.82 7.58
N LYS A 11 -1.31 21.85 7.93
N LYS A 11 -0.96 21.93 8.32
CA LYS A 11 -2.29 20.79 8.06
CA LYS A 11 -2.00 20.91 8.32
C LYS A 11 -3.26 20.88 6.90
C LYS A 11 -2.86 21.08 7.07
N LEU A 12 -3.29 19.85 6.04
N LEU A 12 -2.92 20.04 6.23
CA LEU A 12 -4.22 19.87 4.92
CA LEU A 12 -3.81 20.05 5.08
C LEU A 12 -5.56 19.23 5.24
C LEU A 12 -5.17 19.45 5.40
N THR A 13 -5.56 18.11 5.97
N THR A 13 -5.18 18.31 6.07
CA THR A 13 -6.77 17.39 6.34
CA THR A 13 -6.42 17.62 6.44
C THR A 13 -6.57 16.83 7.75
C THR A 13 -6.25 17.08 7.86
N ASP A 14 -7.51 16.00 8.17
N ASP A 14 -7.25 16.31 8.29
CA ASP A 14 -7.42 15.38 9.48
CA ASP A 14 -7.16 15.63 9.57
C ASP A 14 -6.09 14.67 9.69
C ASP A 14 -5.87 14.83 9.69
N ASN A 15 -5.49 14.10 8.63
N ASN A 15 -5.44 14.18 8.60
CA ASN A 15 -4.33 13.24 8.79
CA ASN A 15 -4.37 13.19 8.63
C ASN A 15 -3.15 13.57 7.88
C ASN A 15 -3.21 13.47 7.69
N VAL A 16 -3.31 14.46 6.91
N VAL A 16 -3.13 14.64 7.07
CA VAL A 16 -2.26 14.80 5.94
CA VAL A 16 -2.07 14.95 6.11
C VAL A 16 -1.70 16.20 6.25
C VAL A 16 -1.45 16.31 6.47
N TYR A 17 -0.38 16.27 6.33
N TYR A 17 -0.12 16.33 6.53
CA TYR A 17 0.39 17.46 6.62
CA TYR A 17 0.66 17.50 6.92
C TYR A 17 1.45 17.64 5.54
C TYR A 17 1.76 17.69 5.89
N ILE A 18 1.89 18.87 5.32
N ILE A 18 2.16 18.95 5.65
CA ILE A 18 2.81 19.15 4.21
CA ILE A 18 3.12 19.24 4.59
C ILE A 18 3.78 20.26 4.59
C ILE A 18 4.11 20.30 5.05
N LYS A 19 5.00 20.18 4.07
N LYS A 19 5.35 20.17 4.56
CA LYS A 19 6.07 21.13 4.42
CA LYS A 19 6.41 21.10 4.90
C LYS A 19 7.06 21.23 3.27
C LYS A 19 7.37 21.19 3.73
N ASN A 20 7.63 22.43 3.09
N ASN A 20 7.87 22.39 3.46
CA ASN A 20 8.74 22.63 2.18
CA ASN A 20 8.93 22.59 2.48
C ASN A 20 10.01 22.20 2.91
C ASN A 20 10.24 22.15 3.15
N ALA A 21 10.54 21.03 2.55
N ALA A 21 10.68 20.94 2.82
CA ALA A 21 11.68 20.49 3.27
CA ALA A 21 11.89 20.42 3.43
C ALA A 21 12.38 19.44 2.44
C ALA A 21 12.40 19.24 2.64
N ASP A 22 13.67 19.25 2.72
N ASP A 22 13.70 19.01 2.75
CA ASP A 22 14.45 18.15 2.17
CA ASP A 22 14.31 17.78 2.24
C ASP A 22 14.22 16.93 3.06
C ASP A 22 13.91 16.63 3.15
N ILE A 23 13.63 15.88 2.48
N ILE A 23 13.34 15.58 2.57
CA ILE A 23 13.27 14.70 3.25
CA ILE A 23 12.92 14.42 3.37
C ILE A 23 14.49 14.10 3.94
C ILE A 23 14.09 13.84 4.15
N VAL A 24 15.67 14.23 3.33
N VAL A 24 15.30 13.96 3.59
CA VAL A 24 16.89 13.73 3.95
CA VAL A 24 16.48 13.46 4.29
C VAL A 24 17.16 14.46 5.25
C VAL A 24 16.73 14.25 5.57
N GLU A 25 17.13 15.79 5.21
N GLU A 25 16.56 15.57 5.51
CA GLU A 25 17.39 16.58 6.41
CA GLU A 25 16.77 16.41 6.67
C GLU A 25 16.28 16.42 7.43
C GLU A 25 15.67 16.20 7.71
N GLU A 26 15.03 16.32 6.97
N GLU A 26 14.43 16.05 7.28
CA GLU A 26 13.92 16.05 7.87
CA GLU A 26 13.35 15.72 8.22
C GLU A 26 14.11 14.72 8.60
C GLU A 26 13.64 14.41 8.93
N ALA A 27 14.49 13.68 7.84
N ALA A 27 14.10 13.40 8.19
CA ALA A 27 14.66 12.36 8.44
CA ALA A 27 14.42 12.12 8.81
C ALA A 27 15.74 12.39 9.51
C ALA A 27 15.62 12.25 9.74
N LYS A 28 16.89 13.00 9.22
N LYS A 28 16.63 13.03 9.33
CA LYS A 28 17.98 13.03 10.19
CA LYS A 28 17.79 13.25 10.20
C LYS A 28 17.60 13.76 11.47
C LYS A 28 17.38 13.87 11.52
N LYS A 29 16.63 14.67 11.40
N LYS A 29 16.52 14.89 11.47
CA LYS A 29 16.22 15.43 12.59
CA LYS A 29 16.15 15.59 12.70
C LYS A 29 15.21 14.65 13.43
C LYS A 29 15.08 14.83 13.49
N VAL A 30 14.13 14.19 12.80
CA VAL A 30 13.04 13.53 13.50
C VAL A 30 13.36 12.08 13.86
N LYS A 31 14.13 11.39 13.03
CA LYS A 31 14.32 9.95 13.13
C LYS A 31 12.96 9.25 13.26
N PRO A 32 12.10 9.40 12.26
CA PRO A 32 10.75 8.84 12.34
C PRO A 32 10.78 7.33 12.36
N THR A 33 9.68 6.75 12.82
CA THR A 33 9.54 5.30 12.75
C THR A 33 9.62 4.81 11.31
N VAL A 34 9.01 5.55 10.38
CA VAL A 34 8.99 5.17 8.97
C VAL A 34 9.29 6.38 8.09
N VAL A 35 10.32 6.26 7.26
CA VAL A 35 10.52 7.16 6.13
C VAL A 35 10.19 6.40 4.86
N VAL A 36 9.44 7.03 3.96
CA VAL A 36 9.09 6.45 2.69
C VAL A 36 10.13 6.82 1.64
N ASN A 37 10.60 5.83 0.91
N ASN A 37 10.59 5.83 0.88
CA ASN A 37 11.46 6.04 -0.25
CA ASN A 37 11.38 6.08 -0.31
C ASN A 37 10.64 5.96 -1.53
C ASN A 37 10.52 5.92 -1.56
N ALA A 38 10.97 6.84 -2.47
N ALA A 38 10.69 6.84 -2.51
CA ALA A 38 10.42 6.81 -3.83
CA ALA A 38 10.07 6.77 -3.83
C ALA A 38 11.23 5.81 -4.64
C ALA A 38 10.95 5.89 -4.71
N ALA A 39 10.91 4.53 -4.46
N ALA A 39 10.70 4.59 -4.68
CA ALA A 39 11.68 3.42 -4.98
CA ALA A 39 11.59 3.61 -5.26
C ALA A 39 11.24 3.04 -6.39
C ALA A 39 11.12 3.21 -6.66
N ASN A 40 12.11 2.29 -7.09
N ASN A 40 12.01 2.49 -7.36
CA ASN A 40 11.73 1.56 -8.29
CA ASN A 40 11.64 1.74 -8.55
C ASN A 40 11.72 0.06 -7.98
C ASN A 40 11.67 0.25 -8.21
N VAL A 41 11.19 -0.73 -8.92
N VAL A 41 11.23 -0.57 -9.17
CA VAL A 41 11.00 -2.15 -8.67
CA VAL A 41 10.99 -1.99 -8.90
C VAL A 41 12.32 -2.86 -8.44
C VAL A 41 12.25 -2.78 -8.55
N TYR A 42 13.42 -2.30 -8.95
CA TYR A 42 14.72 -2.95 -8.76
C TYR A 42 15.44 -2.44 -7.52
N LEU A 43 14.83 -1.51 -6.77
N LEU A 43 14.84 -1.49 -6.80
CA LEU A 43 15.48 -0.86 -5.63
CA LEU A 43 15.48 -0.80 -5.69
C LEU A 43 16.87 -0.35 -5.99
C LEU A 43 16.85 -0.25 -6.07
N LYS A 44 17.00 0.21 -7.20
N LYS A 44 16.94 0.28 -7.29
CA LYS A 44 18.24 0.86 -7.62
CA LYS A 44 18.14 0.99 -7.75
C LYS A 44 18.09 2.35 -7.32
C LYS A 44 17.95 2.46 -7.40
N HIS A 45 18.78 2.79 -6.28
N HIS A 45 18.64 2.90 -6.34
CA HIS A 45 18.53 4.12 -5.70
CA HIS A 45 18.45 4.24 -5.79
C HIS A 45 19.49 5.15 -6.29
C HIS A 45 19.44 5.19 -6.47
N GLY A 46 19.33 5.40 -7.59
N GLY A 46 19.06 5.67 -7.64
CA GLY A 46 20.30 6.16 -8.33
CA GLY A 46 19.97 6.48 -8.44
C GLY A 46 20.15 7.67 -8.32
C GLY A 46 19.85 7.97 -8.24
N GLY A 47 18.92 8.16 -8.16
N GLY A 47 18.63 8.50 -8.11
CA GLY A 47 18.65 9.56 -8.31
CA GLY A 47 18.43 9.93 -8.06
C GLY A 47 17.33 9.92 -7.66
C GLY A 47 17.19 10.29 -7.29
N GLY A 48 16.95 11.19 -7.77
N GLY A 48 16.88 11.59 -7.28
CA GLY A 48 15.75 11.65 -7.13
CA GLY A 48 15.72 12.06 -6.56
C GLY A 48 15.82 11.48 -5.62
C GLY A 48 15.79 11.68 -5.09
N VAL A 49 14.65 11.32 -5.00
N VAL A 49 14.63 11.32 -4.53
CA VAL A 49 14.59 11.05 -3.57
CA VAL A 49 14.54 10.95 -3.12
C VAL A 49 15.41 9.83 -3.21
C VAL A 49 15.42 9.74 -2.83
N ALA A 50 15.26 8.75 -3.99
N ALA A 50 15.37 8.73 -3.69
CA ALA A 50 15.93 7.50 -3.66
CA ALA A 50 16.08 7.48 -3.41
C ALA A 50 17.44 7.68 -3.67
C ALA A 50 17.58 7.71 -3.38
N GLY A 51 17.98 8.34 -4.69
N GLY A 51 18.11 8.43 -4.37
CA GLY A 51 19.41 8.56 -4.74
CA GLY A 51 19.53 8.73 -4.36
C GLY A 51 19.91 9.39 -3.57
C GLY A 51 19.94 9.53 -3.13
N ALA A 52 19.12 10.39 -3.16
N ALA A 52 19.10 10.49 -2.74
CA ALA A 52 19.52 11.24 -2.05
CA ALA A 52 19.40 11.31 -1.56
C ALA A 52 19.47 10.49 -0.71
C ALA A 52 19.35 10.47 -0.29
N LEU A 53 18.39 9.74 -0.47
N LEU A 53 18.31 9.67 -0.12
CA LEU A 53 18.30 8.98 0.77
CA LEU A 53 18.26 8.77 1.03
C LEU A 53 19.45 7.99 0.86
C LEU A 53 19.45 7.82 1.03
N ASN A 54 19.70 7.27 -0.22
N ASN A 54 19.73 7.20 -0.12
CA ASN A 54 20.77 6.27 -0.19
CA ASN A 54 20.82 6.22 -0.16
C ASN A 54 22.12 6.92 0.11
C ASN A 54 22.17 6.88 0.07
N LYS A 55 22.40 8.05 -0.54
CA LYS A 55 23.65 8.76 -0.29
C LYS A 55 23.82 9.09 1.18
N ALA A 56 22.73 9.49 1.84
CA ALA A 56 22.77 9.83 3.26
C ALA A 56 23.07 8.61 4.13
N THR A 57 22.78 7.40 3.66
CA THR A 57 23.15 6.17 4.37
C THR A 57 24.53 5.66 3.99
N ASN A 58 25.30 6.42 3.23
CA ASN A 58 26.64 6.00 2.82
C ASN A 58 26.58 4.70 2.00
N ASN A 59 25.51 4.54 1.21
CA ASN A 59 25.26 3.40 0.32
C ASN A 59 24.80 2.14 1.07
N ALA A 60 24.61 2.19 2.38
CA ALA A 60 24.13 1.01 3.09
C ALA A 60 22.73 0.62 2.62
N MET A 61 21.89 1.60 2.30
CA MET A 61 20.56 1.29 1.77
C MET A 61 20.67 0.47 0.49
N GLN A 62 21.58 0.85 -0.41
CA GLN A 62 21.73 0.11 -1.66
C GLN A 62 22.22 -1.31 -1.40
N VAL A 63 23.20 -1.47 -0.51
CA VAL A 63 23.73 -2.80 -0.21
C VAL A 63 22.62 -3.71 0.31
N GLU A 64 21.82 -3.20 1.26
CA GLU A 64 20.71 -3.97 1.80
C GLU A 64 19.69 -4.29 0.70
N SER A 65 19.42 -3.30 -0.15
CA SER A 65 18.44 -3.47 -1.21
C SER A 65 18.88 -4.52 -2.22
N ASP A 66 20.17 -4.56 -2.55
CA ASP A 66 20.65 -5.53 -3.52
C ASP A 66 20.47 -6.96 -2.99
N ASP A 67 20.71 -7.15 -1.70
CA ASP A 67 20.44 -8.45 -1.09
C ASP A 67 18.95 -8.78 -1.12
N TYR A 68 18.09 -7.78 -0.85
N TYR A 68 18.09 -7.79 -0.82
CA TYR A 68 16.66 -8.03 -0.90
CA TYR A 68 16.65 -8.01 -0.90
C TYR A 68 16.20 -8.48 -2.28
C TYR A 68 16.24 -8.52 -2.28
N ILE A 69 16.70 -7.83 -3.34
CA ILE A 69 16.30 -8.20 -4.69
C ILE A 69 16.86 -9.57 -5.07
N ALA A 70 18.11 -9.84 -4.68
CA ALA A 70 18.69 -11.15 -5.00
C ALA A 70 17.85 -12.27 -4.39
N THR A 71 17.25 -12.04 -3.23
CA THR A 71 16.45 -13.06 -2.58
C THR A 71 15.03 -13.11 -3.13
N ASN A 72 14.41 -11.95 -3.34
CA ASN A 72 12.98 -11.87 -3.56
C ASN A 72 12.56 -11.47 -4.96
N GLY A 73 13.47 -10.97 -5.78
CA GLY A 73 13.11 -10.45 -7.07
C GLY A 73 12.50 -9.07 -6.96
N PRO A 74 12.19 -8.46 -8.11
CA PRO A 74 11.70 -7.08 -8.11
C PRO A 74 10.35 -6.92 -7.44
N LEU A 75 10.10 -5.71 -6.96
CA LEU A 75 8.79 -5.34 -6.49
C LEU A 75 7.83 -5.19 -7.68
N LYS A 76 6.55 -5.08 -7.36
CA LYS A 76 5.52 -4.69 -8.32
C LYS A 76 5.39 -3.17 -8.33
N VAL A 77 5.07 -2.61 -9.51
CA VAL A 77 4.65 -1.21 -9.55
C VAL A 77 3.37 -1.11 -8.73
N GLY A 78 3.33 -0.17 -7.79
CA GLY A 78 2.26 -0.06 -6.83
C GLY A 78 2.55 -0.77 -5.52
N GLY A 79 3.63 -1.56 -5.45
CA GLY A 79 3.96 -2.33 -4.29
C GLY A 79 5.01 -1.68 -3.41
N SER A 80 5.42 -2.41 -2.38
CA SER A 80 6.34 -1.88 -1.39
C SER A 80 7.04 -3.01 -0.66
N CYS A 81 8.11 -2.64 0.03
CA CYS A 81 8.71 -3.52 1.03
C CYS A 81 9.24 -2.66 2.16
N VAL A 82 9.32 -3.26 3.35
CA VAL A 82 9.89 -2.62 4.53
C VAL A 82 11.32 -3.10 4.71
N LEU A 83 12.25 -2.16 4.73
CA LEU A 83 13.65 -2.45 5.01
C LEU A 83 14.12 -1.53 6.12
N SER A 84 15.41 -1.62 6.44
CA SER A 84 15.95 -0.76 7.49
C SER A 84 15.90 0.71 7.10
N GLY A 85 15.72 1.57 8.10
CA GLY A 85 15.89 2.99 7.91
C GLY A 85 17.30 3.48 8.14
N HIS A 86 18.22 2.58 8.49
CA HIS A 86 19.64 2.91 8.65
C HIS A 86 19.76 4.06 9.64
N ASN A 87 20.53 5.09 9.34
CA ASN A 87 20.73 6.21 10.25
C ASN A 87 19.64 7.26 10.14
N LEU A 88 18.62 7.03 9.30
N LEU A 88 18.63 7.04 9.31
CA LEU A 88 17.62 8.05 9.00
CA LEU A 88 17.62 8.07 9.01
C LEU A 88 16.30 7.84 9.72
C LEU A 88 16.29 7.84 9.70
N ALA A 89 15.95 6.60 10.02
CA ALA A 89 14.64 6.25 10.57
C ALA A 89 14.75 4.83 11.08
N LYS A 90 13.75 4.38 11.82
CA LYS A 90 13.74 2.97 12.22
C LYS A 90 13.60 2.08 10.99
N HIS A 91 12.61 2.37 10.15
CA HIS A 91 12.33 1.60 8.95
C HIS A 91 12.25 2.52 7.75
N CYS A 92 12.56 1.97 6.59
CA CYS A 92 12.27 2.61 5.32
C CYS A 92 11.24 1.77 4.58
N LEU A 93 10.10 2.40 4.26
CA LEU A 93 9.09 1.79 3.40
C LEU A 93 9.39 2.21 1.96
N HIS A 94 9.92 1.27 1.18
CA HIS A 94 10.22 1.51 -0.23
C HIS A 94 8.93 1.30 -1.01
N VAL A 95 8.40 2.36 -1.62
CA VAL A 95 7.13 2.31 -2.32
C VAL A 95 7.37 2.66 -3.79
N VAL A 96 6.83 1.85 -4.70
CA VAL A 96 7.00 2.06 -6.13
C VAL A 96 5.74 2.70 -6.70
N GLY A 97 5.79 4.01 -6.90
N GLY A 97 5.81 3.98 -7.01
CA GLY A 97 4.79 4.67 -7.69
CA GLY A 97 4.75 4.60 -7.77
C GLY A 97 5.09 4.46 -9.16
C GLY A 97 4.91 4.35 -9.26
N PRO A 98 4.09 4.57 -10.01
N PRO A 98 3.83 4.47 -10.04
CA PRO A 98 4.34 4.48 -11.46
CA PRO A 98 3.94 4.27 -11.49
C PRO A 98 5.25 5.60 -11.94
C PRO A 98 4.79 5.34 -12.15
N ASN A 99 6.14 5.26 -12.87
N ASN A 99 5.54 4.92 -13.17
CA ASN A 99 7.03 6.22 -13.50
CA ASN A 99 6.39 5.80 -13.96
C ASN A 99 6.47 6.51 -14.89
C ASN A 99 5.69 6.00 -15.31
N VAL A 100 5.91 7.72 -15.05
N VAL A 100 5.06 7.17 -15.48
CA VAL A 100 5.32 8.12 -16.32
CA VAL A 100 4.31 7.43 -16.71
C VAL A 100 6.37 8.12 -17.42
C VAL A 100 5.23 7.56 -17.90
N ASN A 101 7.62 8.41 -17.09
N ASN A 101 6.51 7.87 -17.70
CA ASN A 101 8.68 8.40 -18.09
CA ASN A 101 7.50 7.84 -18.76
C ASN A 101 9.07 6.99 -18.52
C ASN A 101 8.01 6.43 -19.02
N LYS A 102 8.44 5.95 -17.94
N LYS A 102 7.20 5.43 -18.67
CA LYS A 102 8.51 4.58 -18.44
CA LYS A 102 7.52 4.03 -18.90
C LYS A 102 7.20 4.12 -19.05
C LYS A 102 6.30 3.24 -19.35
N GLY A 103 6.18 4.97 -19.11
N GLY A 103 5.17 3.89 -19.61
CA GLY A 103 4.89 4.58 -19.65
CA GLY A 103 3.95 3.20 -19.97
C GLY A 103 3.99 3.85 -18.69
C GLY A 103 3.14 2.71 -18.78
N GLU A 104 4.28 3.89 -17.40
N GLU A 104 3.53 3.08 -17.57
CA GLU A 104 3.55 3.10 -16.42
CA GLU A 104 2.89 2.55 -16.37
C GLU A 104 2.22 3.77 -16.07
C GLU A 104 1.67 3.39 -16.02
N ASP A 105 1.23 2.92 -15.76
N ASP A 105 0.56 2.72 -15.73
CA ASP A 105 -0.15 3.35 -15.58
CA ASP A 105 -0.72 3.38 -15.57
C ASP A 105 -0.29 4.24 -14.35
C ASP A 105 -0.73 4.21 -14.29
N ILE A 106 -0.86 5.43 -14.53
N ILE A 106 -0.97 5.51 -14.43
CA ILE A 106 -1.00 6.37 -13.42
CA ILE A 106 -0.98 6.41 -13.28
C ILE A 106 -2.05 5.90 -12.42
C ILE A 106 -2.04 6.00 -12.26
N GLN A 107 -3.00 5.07 -12.85
N GLN A 107 -3.04 5.22 -12.67
CA GLN A 107 -4.00 4.52 -11.93
CA GLN A 107 -3.99 4.69 -11.71
C GLN A 107 -3.35 3.76 -10.78
C GLN A 107 -3.33 3.77 -10.70
N LEU A 108 -2.13 3.26 -10.99
CA LEU A 108 -1.40 2.51 -9.97
C LEU A 108 -0.92 3.42 -8.84
N LEU A 109 -1.04 4.74 -8.98
CA LEU A 109 -0.63 5.63 -7.90
C LEU A 109 -1.47 5.40 -6.65
N LYS A 110 -2.77 5.14 -6.81
CA LYS A 110 -3.59 4.88 -5.63
C LYS A 110 -3.13 3.62 -4.91
N SER A 111 -2.86 2.55 -5.66
CA SER A 111 -2.33 1.34 -5.05
C SER A 111 -1.04 1.62 -4.29
N ALA A 112 -0.16 2.45 -4.87
CA ALA A 112 1.09 2.78 -4.21
C ALA A 112 0.83 3.44 -2.86
N TYR A 113 -0.07 4.44 -2.83
CA TYR A 113 -0.35 5.13 -1.58
C TYR A 113 -1.03 4.23 -0.56
N GLU A 114 -1.77 3.21 -1.00
CA GLU A 114 -2.42 2.30 -0.06
C GLU A 114 -1.41 1.64 0.88
N ASN A 115 -0.16 1.47 0.42
CA ASN A 115 0.86 0.90 1.29
C ASN A 115 1.06 1.72 2.57
N PHE A 116 0.84 3.04 2.48
CA PHE A 116 1.04 3.88 3.65
C PHE A 116 0.09 3.52 4.79
N ASN A 117 -1.08 2.94 4.47
CA ASN A 117 -2.08 2.66 5.48
C ASN A 117 -1.66 1.54 6.43
N GLN A 118 -0.58 0.84 6.13
CA GLN A 118 -0.06 -0.19 7.02
C GLN A 118 0.83 0.39 8.11
N HIS A 119 0.97 1.71 8.18
CA HIS A 119 1.85 2.37 9.15
C HIS A 119 1.13 3.56 9.74
N GLU A 120 1.15 3.66 11.07
CA GLU A 120 0.33 4.67 11.73
C GLU A 120 0.81 6.09 11.46
N VAL A 121 2.12 6.29 11.31
CA VAL A 121 2.72 7.59 11.06
C VAL A 121 3.89 7.41 10.10
N LEU A 122 3.99 8.29 9.09
CA LEU A 122 5.06 8.21 8.11
C LEU A 122 5.54 9.60 7.72
N LEU A 123 6.84 9.70 7.43
CA LEU A 123 7.43 10.83 6.70
C LEU A 123 7.60 10.38 5.26
N ALA A 124 7.14 11.19 4.30
N ALA A 124 7.07 11.15 4.30
CA ALA A 124 7.09 10.71 2.93
CA ALA A 124 6.94 10.62 2.96
C ALA A 124 7.31 11.85 1.94
C ALA A 124 7.05 11.71 1.90
N PRO A 125 7.77 11.54 0.73
N PRO A 125 7.48 11.36 0.69
CA PRO A 125 7.67 12.47 -0.40
CA PRO A 125 7.43 12.28 -0.45
C PRO A 125 6.35 12.19 -1.13
C PRO A 125 6.16 12.06 -1.25
N LEU A 126 6.07 13.05 -2.12
N LEU A 126 5.82 13.02 -2.10
CA LEU A 126 4.93 12.82 -3.00
CA LEU A 126 4.83 12.75 -3.14
C LEU A 126 5.30 11.77 -4.06
C LEU A 126 5.37 11.66 -4.06
N LEU A 127 4.60 10.65 -4.02
N LEU A 127 4.48 10.75 -4.45
CA LEU A 127 4.87 9.55 -4.94
CA LEU A 127 4.85 9.65 -5.34
C LEU A 127 4.67 9.95 -6.40
C LEU A 127 4.35 9.95 -6.76
N SER A 128 5.52 9.41 -7.26
N SER A 128 5.13 9.56 -7.76
CA SER A 128 5.48 9.56 -8.70
CA SER A 128 4.76 9.74 -9.17
C SER A 128 5.77 10.98 -9.19
C SER A 128 4.34 11.19 -9.45
N ALA A 129 6.10 11.91 -8.30
N ALA A 129 5.09 12.15 -8.90
CA ALA A 129 6.47 13.26 -8.68
CA ALA A 129 4.70 13.55 -8.97
C ALA A 129 7.95 13.29 -9.05
C ALA A 129 5.53 14.35 -9.98
N GLY A 130 8.47 14.49 -9.31
N GLY A 130 6.85 14.35 -9.82
CA GLY A 130 9.88 14.62 -9.67
CA GLY A 130 7.64 15.29 -10.59
C GLY A 130 10.19 13.82 -10.91
C GLY A 130 7.44 16.69 -10.03
N ILE A 131 11.30 13.08 -10.86
N ILE A 131 7.43 17.67 -10.93
CA ILE A 131 11.76 12.33 -12.03
CA ILE A 131 7.24 19.03 -10.46
C ILE A 131 10.86 11.18 -12.41
C ILE A 131 6.49 19.86 -11.49
N PHE A 132 9.86 10.83 -11.60
N PHE A 132 6.53 19.42 -12.75
CA PHE A 132 8.89 9.84 -12.01
CA PHE A 132 5.93 20.17 -13.84
C PHE A 132 7.83 10.40 -12.95
C PHE A 132 4.52 19.67 -14.15
N GLY A 133 7.79 11.72 -13.14
N GLY A 133 3.62 20.62 -14.38
CA GLY A 133 7.09 12.30 -14.27
CA GLY A 133 2.34 20.38 -15.03
C GLY A 133 5.62 12.62 -14.10
C GLY A 133 1.45 19.28 -14.49
N ALA A 134 5.01 12.32 -12.95
N ALA A 134 0.47 19.67 -13.66
CA ALA A 134 3.61 12.63 -12.75
CA ALA A 134 -0.68 18.87 -13.26
C ALA A 134 3.44 14.06 -12.23
C ALA A 134 -0.38 17.40 -13.01
N ASP A 135 2.21 14.55 -12.28
N ASP A 135 0.81 17.10 -12.48
CA ASP A 135 1.87 15.88 -11.79
CA ASP A 135 1.14 15.75 -12.02
C ASP A 135 1.82 15.86 -10.25
C ASP A 135 1.30 15.73 -10.51
N PRO A 136 2.67 16.62 -9.56
N PRO A 136 2.07 16.67 -9.90
CA PRO A 136 2.66 16.58 -8.09
CA PRO A 136 2.13 16.69 -8.44
C PRO A 136 1.34 17.05 -7.47
C PRO A 136 0.81 17.03 -7.79
N ILE A 137 0.61 17.94 -8.13
N ILE A 137 0.04 17.97 -8.37
CA ILE A 137 -0.70 18.32 -7.62
CA ILE A 137 -1.30 18.24 -7.85
C ILE A 137 -1.63 17.11 -7.58
C ILE A 137 -2.09 16.95 -7.81
N HIS A 138 -1.62 16.33 -8.66
N HIS A 138 -1.96 16.12 -8.85
CA HIS A 138 -2.46 15.13 -8.72
CA HIS A 138 -2.60 14.83 -8.83
C HIS A 138 -2.04 14.12 -7.65
C HIS A 138 -2.05 13.94 -7.72
N SER A 139 -0.74 13.91 -7.51
CA SER A 139 -0.20 13.02 -6.49
C SER A 139 -0.70 13.41 -5.10
N LEU A 140 -0.71 14.70 -4.80
CA LEU A 140 -1.20 15.15 -3.49
C LEU A 140 -2.67 14.80 -3.31
N ARG A 141 -3.47 14.99 -4.38
CA ARG A 141 -4.89 14.66 -4.32
C ARG A 141 -5.09 13.18 -4.02
N VAL A 142 -4.38 12.32 -4.74
CA VAL A 142 -4.50 10.87 -4.50
C VAL A 142 -4.06 10.54 -3.09
N CYS A 143 -2.97 11.15 -2.62
CA CYS A 143 -2.51 10.92 -1.26
C CYS A 143 -3.63 11.22 -0.26
N VAL A 144 -4.20 12.43 -0.35
CA VAL A 144 -5.22 12.83 0.62
C VAL A 144 -6.43 11.93 0.55
N ASP A 145 -6.79 11.47 -0.64
CA ASP A 145 -7.97 10.64 -0.84
C ASP A 145 -7.72 9.14 -0.63
N THR A 146 -6.50 8.75 -0.31
CA THR A 146 -6.16 7.34 -0.15
C THR A 146 -5.58 7.02 1.22
N VAL A 147 -4.65 7.83 1.70
CA VAL A 147 -3.98 7.59 2.96
C VAL A 147 -4.88 8.02 4.10
N ARG A 148 -5.09 7.11 5.06
CA ARG A 148 -5.89 7.38 6.24
C ARG A 148 -5.06 7.49 7.50
N THR A 149 -3.83 7.00 7.48
CA THR A 149 -2.89 7.15 8.58
C THR A 149 -2.23 8.51 8.49
N ASN A 150 -1.41 8.84 9.48
CA ASN A 150 -0.87 10.20 9.62
C ASN A 150 0.38 10.34 8.77
N VAL A 151 0.31 11.16 7.73
CA VAL A 151 1.41 11.31 6.79
C VAL A 151 1.91 12.74 6.79
N TYR A 152 3.23 12.87 6.92
CA TYR A 152 3.96 14.12 6.91
C TYR A 152 4.74 14.19 5.61
N LEU A 153 4.29 15.04 4.70
CA LEU A 153 4.87 15.15 3.38
C LEU A 153 5.95 16.22 3.34
N ALA A 154 7.11 15.85 2.82
N ALA A 154 7.15 15.83 2.92
CA ALA A 154 8.21 16.78 2.57
CA ALA A 154 8.28 16.75 2.80
C ALA A 154 8.29 17.05 1.07
C ALA A 154 8.51 16.98 1.31
N VAL A 155 8.14 18.33 0.70
N VAL A 155 8.43 18.24 0.89
CA VAL A 155 8.25 18.78 -0.68
CA VAL A 155 8.54 18.62 -0.52
C VAL A 155 9.53 19.60 -0.80
C VAL A 155 9.70 19.58 -0.66
N PHE A 156 10.43 19.16 -1.67
N PHE A 156 10.81 19.09 -1.23
CA PHE A 156 11.78 19.74 -1.72
CA PHE A 156 12.07 19.83 -1.32
C PHE A 156 11.77 21.11 -2.39
C PHE A 156 12.08 20.79 -2.52
N ASP A 157 10.97 21.28 -3.43
N ASP A 157 11.12 21.71 -2.50
CA ASP A 157 10.96 22.49 -4.25
CA ASP A 157 10.97 22.72 -3.55
C ASP A 157 10.02 23.52 -3.63
C ASP A 157 10.02 23.80 -3.06
N LYS A 158 10.56 24.70 -3.28
N LYS A 158 10.56 24.98 -2.77
CA LYS A 158 9.76 25.71 -2.60
CA LYS A 158 9.72 26.04 -2.21
C LYS A 158 8.64 26.24 -3.51
C LYS A 158 8.62 26.45 -3.18
N ASN A 159 8.96 26.52 -4.77
N ASN A 159 8.93 26.53 -4.47
CA ASN A 159 7.94 26.98 -5.70
CA ASN A 159 7.94 26.96 -5.44
C ASN A 159 6.83 25.95 -5.85
C ASN A 159 6.82 25.94 -5.59
N LEU A 160 7.17 24.66 -5.80
CA LEU A 160 6.16 23.61 -5.90
C LEU A 160 5.34 23.54 -4.62
N TYR A 161 6.01 23.60 -3.47
CA TYR A 161 5.29 23.62 -2.20
C TYR A 161 4.23 24.72 -2.17
N ASP A 162 4.61 25.92 -2.62
N ASP A 162 4.67 25.95 -2.48
CA ASP A 162 3.65 27.03 -2.61
CA ASP A 162 3.74 27.07 -2.53
C ASP A 162 2.46 26.75 -3.53
C ASP A 162 2.66 26.84 -3.57
N LYS A 163 2.71 26.19 -4.72
N LYS A 163 3.02 26.18 -4.69
CA LYS A 163 1.64 25.88 -5.65
CA LYS A 163 2.03 25.87 -5.70
C LYS A 163 0.73 24.78 -5.11
C LYS A 163 1.01 24.85 -5.21
N LEU A 164 1.33 23.77 -4.47
N LEU A 164 1.46 23.83 -4.47
CA LEU A 164 0.56 22.70 -3.85
CA LEU A 164 0.53 22.79 -4.02
C LEU A 164 -0.38 23.25 -2.79
C LEU A 164 -0.41 23.29 -2.94
N VAL A 165 0.12 24.14 -1.94
N VAL A 165 0.10 24.06 -1.98
CA VAL A 165 -0.71 24.73 -0.90
CA VAL A 165 -0.77 24.59 -0.93
C VAL A 165 -1.81 25.58 -1.52
C VAL A 165 -1.76 25.59 -1.52
N SER A 166 -1.44 26.51 -2.41
N SER A 166 -1.30 26.46 -2.42
CA SER A 166 -2.41 27.47 -2.92
CA SER A 166 -2.16 27.46 -3.02
C SER A 166 -3.49 26.81 -3.76
C SER A 166 -3.19 26.88 -3.96
N SER A 167 -3.16 25.71 -4.43
N SER A 167 -3.12 25.59 -4.27
CA SER A 167 -4.11 25.03 -5.29
CA SER A 167 -4.10 24.95 -5.13
C SER A 167 -4.84 23.90 -4.57
C SER A 167 -4.86 23.83 -4.42
N PHE A 168 -4.56 23.66 -3.29
N PHE A 168 -4.68 23.68 -3.11
CA PHE A 168 -5.18 22.55 -2.60
CA PHE A 168 -5.39 22.67 -2.33
C PHE A 168 -6.65 22.82 -2.37
C PHE A 168 -6.28 23.28 -1.25
N LEU A 169 -7.49 21.85 -2.73
N LEU A 169 -5.73 24.18 -0.43
CA LEU A 169 -8.92 21.98 -2.52
CA LEU A 169 -6.49 24.76 0.67
C LEU A 169 -9.30 21.25 -1.24
C LEU A 169 -7.76 25.47 0.20
N SER B 1 -2.53 -24.63 -20.73
N SER B 1 -2.67 -24.71 -20.78
CA SER B 1 -3.32 -25.03 -19.56
CA SER B 1 -3.34 -25.00 -19.48
C SER B 1 -4.33 -23.96 -19.19
C SER B 1 -4.34 -23.91 -19.14
N MET B 2 -5.25 -24.35 -18.32
N MET B 2 -5.19 -24.21 -18.15
CA MET B 2 -6.40 -23.54 -17.95
CA MET B 2 -6.36 -23.41 -17.82
C MET B 2 -6.21 -23.07 -16.51
C MET B 2 -6.21 -22.90 -16.39
N VAL B 3 -6.06 -21.77 -16.33
N VAL B 3 -5.81 -21.65 -16.25
CA VAL B 3 -5.96 -21.15 -15.01
CA VAL B 3 -5.71 -20.99 -14.94
C VAL B 3 -6.89 -19.96 -14.97
C VAL B 3 -6.64 -19.78 -14.92
N ASN B 4 -7.22 -19.52 -13.75
CA ASN B 4 -8.15 -18.41 -13.57
C ASN B 4 -9.40 -18.58 -14.43
N SER B 5 -9.93 -19.81 -14.49
CA SER B 5 -11.11 -20.11 -15.30
C SER B 5 -12.33 -20.04 -14.39
N PHE B 6 -12.73 -18.83 -14.06
CA PHE B 6 -13.90 -18.61 -13.23
C PHE B 6 -15.15 -18.77 -14.07
N SER B 7 -16.15 -19.46 -13.51
N SER B 7 -16.14 -19.47 -13.51
CA SER B 7 -17.39 -19.72 -14.22
CA SER B 7 -17.38 -19.79 -14.22
C SER B 7 -18.58 -19.63 -13.27
C SER B 7 -18.56 -19.67 -13.27
N GLY B 8 -19.68 -19.11 -13.78
N GLY B 8 -19.66 -19.13 -13.77
CA GLY B 8 -20.91 -19.04 -13.03
CA GLY B 8 -20.89 -19.06 -13.01
C GLY B 8 -21.02 -17.89 -12.06
C GLY B 8 -20.96 -17.94 -12.00
N TYR B 9 -20.15 -16.89 -12.16
CA TYR B 9 -20.18 -15.76 -11.25
C TYR B 9 -21.16 -14.69 -11.73
N LEU B 10 -21.77 -14.03 -10.77
CA LEU B 10 -22.66 -12.90 -11.01
C LEU B 10 -21.85 -11.63 -10.87
N LYS B 11 -21.95 -10.75 -11.86
CA LYS B 11 -21.23 -9.48 -11.85
C LYS B 11 -21.97 -8.49 -10.95
N LEU B 12 -21.27 -7.96 -9.96
CA LEU B 12 -21.79 -6.89 -9.11
C LEU B 12 -21.33 -5.52 -9.58
N THR B 13 -20.03 -5.37 -9.82
CA THR B 13 -19.46 -4.16 -10.41
C THR B 13 -18.51 -4.61 -11.52
N ASP B 14 -17.85 -3.62 -12.14
N ASP B 14 -17.84 -3.62 -12.14
CA ASP B 14 -16.94 -3.93 -13.24
CA ASP B 14 -16.94 -3.93 -13.24
C ASP B 14 -15.85 -4.91 -12.80
C ASP B 14 -15.78 -4.83 -12.83
N ASN B 15 -15.48 -4.92 -11.53
CA ASN B 15 -14.38 -5.75 -11.06
C ASN B 15 -14.72 -6.71 -9.93
N VAL B 16 -15.95 -6.74 -9.43
CA VAL B 16 -16.33 -7.61 -8.32
C VAL B 16 -17.42 -8.56 -8.79
N TYR B 17 -17.16 -9.86 -8.60
CA TYR B 17 -18.03 -10.94 -9.02
C TYR B 17 -18.30 -11.84 -7.82
N ILE B 18 -19.44 -12.54 -7.84
CA ILE B 18 -19.83 -13.33 -6.67
C ILE B 18 -20.50 -14.62 -7.12
N LYS B 19 -20.29 -15.68 -6.34
CA LYS B 19 -20.84 -16.99 -6.64
C LYS B 19 -21.15 -17.72 -5.34
N ASN B 20 -22.24 -18.49 -5.36
CA ASN B 20 -22.55 -19.39 -4.25
C ASN B 20 -21.73 -20.66 -4.46
N ALA B 21 -20.67 -20.82 -3.68
CA ALA B 21 -19.73 -21.91 -3.91
C ALA B 21 -18.86 -22.13 -2.68
N ASP B 22 -18.36 -23.36 -2.58
CA ASP B 22 -17.35 -23.76 -1.61
C ASP B 22 -15.99 -23.34 -2.17
N ILE B 23 -15.29 -22.45 -1.44
CA ILE B 23 -14.07 -21.84 -1.96
C ILE B 23 -12.98 -22.88 -2.24
N VAL B 24 -12.95 -23.97 -1.47
CA VAL B 24 -11.98 -25.04 -1.74
C VAL B 24 -12.29 -25.72 -3.06
N GLU B 25 -13.56 -26.10 -3.25
CA GLU B 25 -13.95 -26.70 -4.50
C GLU B 25 -13.72 -25.75 -5.67
N GLU B 26 -14.02 -24.46 -5.45
CA GLU B 26 -13.77 -23.47 -6.49
C GLU B 26 -12.30 -23.38 -6.83
N ALA B 27 -11.44 -23.32 -5.81
CA ALA B 27 -10.01 -23.23 -6.06
C ALA B 27 -9.53 -24.41 -6.90
N LYS B 28 -9.98 -25.62 -6.57
CA LYS B 28 -9.51 -26.79 -7.29
C LYS B 28 -10.01 -26.80 -8.73
N LYS B 29 -11.17 -26.20 -9.00
CA LYS B 29 -11.70 -26.15 -10.36
C LYS B 29 -11.12 -24.98 -11.16
N VAL B 30 -11.05 -23.79 -10.55
CA VAL B 30 -10.69 -22.56 -11.25
C VAL B 30 -9.19 -22.50 -11.53
N LYS B 31 -8.40 -23.09 -10.66
CA LYS B 31 -6.95 -23.03 -10.69
C LYS B 31 -6.48 -21.57 -10.66
N PRO B 32 -6.84 -20.82 -9.60
CA PRO B 32 -6.50 -19.40 -9.57
C PRO B 32 -5.02 -19.15 -9.29
N THR B 33 -4.52 -18.03 -9.81
CA THR B 33 -3.20 -17.57 -9.42
C THR B 33 -3.14 -17.29 -7.92
N VAL B 34 -4.22 -16.73 -7.36
CA VAL B 34 -4.24 -16.33 -5.96
C VAL B 34 -5.56 -16.76 -5.34
N VAL B 35 -5.48 -17.49 -4.24
CA VAL B 35 -6.62 -17.68 -3.35
C VAL B 35 -6.33 -16.91 -2.07
N VAL B 36 -7.35 -16.18 -1.59
CA VAL B 36 -7.22 -15.43 -0.35
C VAL B 36 -7.66 -16.29 0.82
N ASN B 37 -6.86 -16.30 1.88
CA ASN B 37 -7.23 -16.90 3.14
C ASN B 37 -7.68 -15.82 4.12
N ALA B 38 -8.74 -16.14 4.87
CA ALA B 38 -9.22 -15.33 5.99
C ALA B 38 -8.36 -15.67 7.20
N ALA B 39 -7.18 -15.06 7.25
CA ALA B 39 -6.14 -15.39 8.20
C ALA B 39 -6.26 -14.58 9.49
N ASN B 40 -5.52 -15.02 10.50
CA ASN B 40 -5.25 -14.24 11.71
C ASN B 40 -3.75 -13.96 11.79
N VAL B 41 -3.38 -13.11 12.75
CA VAL B 41 -2.01 -12.57 12.75
C VAL B 41 -0.95 -13.63 12.95
N TYR B 42 -1.27 -14.73 13.63
CA TYR B 42 -0.30 -15.80 13.84
C TYR B 42 -0.48 -16.95 12.85
N LEU B 43 -1.30 -16.76 11.82
CA LEU B 43 -1.50 -17.75 10.77
C LEU B 43 -1.82 -19.12 11.38
N LYS B 44 -2.71 -19.12 12.37
CA LYS B 44 -3.21 -20.35 12.98
C LYS B 44 -4.55 -20.66 12.32
N HIS B 45 -4.55 -21.66 11.45
CA HIS B 45 -5.67 -21.89 10.53
C HIS B 45 -6.63 -22.90 11.16
N GLY B 46 -7.37 -22.42 12.15
N GLY B 46 -7.36 -22.43 12.16
CA GLY B 46 -8.23 -23.29 12.94
CA GLY B 46 -8.23 -23.29 12.92
C GLY B 46 -9.63 -23.51 12.40
C GLY B 46 -9.60 -23.51 12.30
N GLY B 47 -10.36 -22.43 12.12
CA GLY B 47 -11.77 -22.53 11.78
C GLY B 47 -12.12 -21.83 10.49
N GLY B 48 -13.40 -21.92 10.14
CA GLY B 48 -13.90 -21.21 8.99
C GLY B 48 -13.10 -21.48 7.75
N VAL B 49 -12.89 -20.43 6.95
CA VAL B 49 -12.19 -20.56 5.68
C VAL B 49 -10.77 -21.09 5.89
N ALA B 50 -10.06 -20.55 6.87
CA ALA B 50 -8.67 -20.95 7.05
C ALA B 50 -8.57 -22.43 7.40
N GLY B 51 -9.44 -22.91 8.27
CA GLY B 51 -9.42 -24.33 8.59
C GLY B 51 -9.69 -25.19 7.37
N ALA B 52 -10.63 -24.77 6.53
CA ALA B 52 -10.95 -25.55 5.34
C ALA B 52 -9.80 -25.54 4.33
N LEU B 53 -9.20 -24.37 4.09
CA LEU B 53 -8.07 -24.32 3.16
C LEU B 53 -6.93 -25.18 3.68
N ASN B 54 -6.60 -25.06 4.96
CA ASN B 54 -5.47 -25.82 5.48
C ASN B 54 -5.75 -27.32 5.40
N LYS B 55 -6.97 -27.74 5.74
CA LYS B 55 -7.31 -29.16 5.65
C LYS B 55 -7.15 -29.66 4.22
N ALA B 56 -7.54 -28.85 3.23
CA ALA B 56 -7.38 -29.28 1.85
C ALA B 56 -5.92 -29.52 1.49
N THR B 57 -5.01 -28.78 2.11
CA THR B 57 -3.58 -28.97 1.86
C THR B 57 -2.97 -30.05 2.73
N ASN B 58 -3.80 -30.80 3.47
CA ASN B 58 -3.28 -31.85 4.35
C ASN B 58 -2.28 -31.29 5.35
N ASN B 59 -2.57 -30.08 5.86
CA ASN B 59 -1.81 -29.39 6.91
C ASN B 59 -0.51 -28.78 6.38
N ALA B 60 -0.20 -28.89 5.09
CA ALA B 60 1.03 -28.30 4.58
C ALA B 60 1.01 -26.79 4.75
N MET B 61 -0.16 -26.17 4.61
CA MET B 61 -0.26 -24.73 4.80
C MET B 61 0.11 -24.35 6.22
N GLN B 62 -0.34 -25.12 7.22
CA GLN B 62 -0.03 -24.78 8.60
C GLN B 62 1.46 -24.92 8.88
N VAL B 63 2.09 -25.99 8.37
CA VAL B 63 3.52 -26.18 8.59
C VAL B 63 4.30 -25.01 7.99
N GLU B 64 3.96 -24.65 6.75
CA GLU B 64 4.60 -23.52 6.08
C GLU B 64 4.38 -22.22 6.85
N SER B 65 3.16 -22.04 7.36
CA SER B 65 2.80 -20.83 8.09
C SER B 65 3.58 -20.71 9.39
N ASP B 66 3.71 -21.82 10.13
CA ASP B 66 4.46 -21.77 11.39
C ASP B 66 5.92 -21.39 11.13
N ASP B 67 6.51 -21.89 10.05
CA ASP B 67 7.87 -21.51 9.70
C ASP B 67 7.95 -20.03 9.34
N TYR B 68 6.96 -19.53 8.58
CA TYR B 68 6.92 -18.10 8.26
C TYR B 68 6.90 -17.26 9.54
N ILE B 69 6.07 -17.65 10.51
CA ILE B 69 5.96 -16.90 11.76
C ILE B 69 7.26 -16.95 12.54
N ALA B 70 7.90 -18.11 12.59
CA ALA B 70 9.18 -18.21 13.28
C ALA B 70 10.19 -17.21 12.72
N THR B 71 10.20 -17.04 11.40
CA THR B 71 11.18 -16.17 10.76
C THR B 71 10.78 -14.70 10.83
N ASN B 72 9.49 -14.41 10.73
CA ASN B 72 9.01 -13.04 10.49
C ASN B 72 8.17 -12.45 11.61
N GLY B 73 7.67 -13.26 12.53
CA GLY B 73 6.75 -12.75 13.53
C GLY B 73 5.36 -12.56 12.97
N PRO B 74 4.43 -12.18 13.82
CA PRO B 74 3.02 -12.09 13.41
C PRO B 74 2.78 -10.93 12.46
N LEU B 75 1.72 -11.09 11.67
CA LEU B 75 1.23 -10.02 10.82
C LEU B 75 0.55 -8.96 11.67
N LYS B 76 0.22 -7.83 11.03
CA LYS B 76 -0.64 -6.81 11.60
C LYS B 76 -2.09 -7.06 11.15
N VAL B 77 -3.05 -6.73 12.02
CA VAL B 77 -4.44 -6.69 11.55
C VAL B 77 -4.52 -5.65 10.44
N GLY B 78 -5.12 -6.04 9.31
CA GLY B 78 -5.14 -5.24 8.12
C GLY B 78 -4.04 -5.58 7.13
N GLY B 79 -3.08 -6.43 7.52
CA GLY B 79 -1.96 -6.78 6.67
C GLY B 79 -2.12 -8.14 6.01
N SER B 80 -1.08 -8.55 5.30
CA SER B 80 -1.12 -9.79 4.54
C SER B 80 0.30 -10.32 4.31
N CYS B 81 0.36 -11.58 3.89
CA CYS B 81 1.58 -12.13 3.34
C CYS B 81 1.21 -13.11 2.24
N VAL B 82 2.14 -13.30 1.30
CA VAL B 82 1.99 -14.25 0.20
C VAL B 82 2.78 -15.49 0.54
N LEU B 83 2.10 -16.64 0.54
CA LEU B 83 2.72 -17.94 0.72
C LEU B 83 2.27 -18.86 -0.42
N SER B 84 2.70 -20.12 -0.37
CA SER B 84 2.31 -21.05 -1.42
C SER B 84 0.80 -21.31 -1.40
N GLY B 85 0.26 -21.58 -2.56
CA GLY B 85 -1.10 -22.05 -2.68
C GLY B 85 -1.27 -23.55 -2.69
N HIS B 86 -0.18 -24.32 -2.62
CA HIS B 86 -0.27 -25.79 -2.43
C HIS B 86 -1.10 -26.39 -3.55
N ASN B 87 -2.13 -27.17 -3.24
CA ASN B 87 -2.99 -27.80 -4.23
C ASN B 87 -4.19 -26.94 -4.58
N LEU B 88 -4.20 -25.68 -4.16
CA LEU B 88 -5.35 -24.79 -4.33
C LEU B 88 -5.12 -23.68 -5.35
N ALA B 89 -3.89 -23.22 -5.50
CA ALA B 89 -3.63 -22.00 -6.25
C ALA B 89 -2.13 -21.89 -6.40
N LYS B 90 -1.69 -20.98 -7.27
CA LYS B 90 -0.26 -20.70 -7.30
C LYS B 90 0.20 -20.13 -5.96
N HIS B 91 -0.54 -19.14 -5.45
CA HIS B 91 -0.22 -18.45 -4.21
C HIS B 91 -1.46 -18.41 -3.33
N CYS B 92 -1.22 -18.40 -2.03
CA CYS B 92 -2.25 -18.01 -1.06
C CYS B 92 -1.87 -16.67 -0.47
N LEU B 93 -2.78 -15.70 -0.61
CA LEU B 93 -2.64 -14.40 0.03
C LEU B 93 -3.37 -14.47 1.37
N HIS B 94 -2.62 -14.53 2.46
CA HIS B 94 -3.18 -14.59 3.80
C HIS B 94 -3.46 -13.16 4.25
N VAL B 95 -4.73 -12.79 4.37
CA VAL B 95 -5.13 -11.42 4.70
C VAL B 95 -5.83 -11.43 6.05
N VAL B 96 -5.42 -10.53 6.93
CA VAL B 96 -6.00 -10.44 8.28
C VAL B 96 -7.01 -9.30 8.30
N GLY B 97 -8.30 -9.63 8.26
CA GLY B 97 -9.34 -8.68 8.55
C GLY B 97 -9.54 -8.56 10.04
N PRO B 98 -10.15 -7.47 10.51
CA PRO B 98 -10.47 -7.36 11.94
C PRO B 98 -11.49 -8.40 12.35
N ASN B 99 -11.28 -8.95 13.54
CA ASN B 99 -12.21 -9.92 14.13
C ASN B 99 -13.06 -9.17 15.14
N VAL B 100 -14.31 -8.85 14.77
N VAL B 100 -14.31 -8.87 14.77
CA VAL B 100 -15.21 -8.16 15.67
CA VAL B 100 -15.22 -8.16 15.66
C VAL B 100 -15.52 -9.00 16.89
C VAL B 100 -15.54 -9.00 16.90
N ASN B 101 -15.55 -10.33 16.74
CA ASN B 101 -15.77 -11.20 17.90
C ASN B 101 -14.63 -11.12 18.90
N LYS B 102 -13.46 -10.62 18.49
N LYS B 102 -13.47 -10.59 18.50
CA LYS B 102 -12.33 -10.41 19.37
CA LYS B 102 -12.37 -10.28 19.40
C LYS B 102 -12.19 -8.94 19.79
C LYS B 102 -12.30 -8.81 19.78
N GLY B 103 -13.16 -8.10 19.47
N GLY B 103 -13.26 -8.00 19.34
CA GLY B 103 -13.12 -6.71 19.82
CA GLY B 103 -13.27 -6.59 19.68
C GLY B 103 -12.28 -5.83 18.91
C GLY B 103 -12.38 -5.72 18.83
N GLU B 104 -11.77 -6.38 17.81
N GLU B 104 -11.92 -6.21 17.68
CA GLU B 104 -10.91 -5.60 16.93
CA GLU B 104 -11.02 -5.43 16.84
C GLU B 104 -11.73 -4.59 16.13
C GLU B 104 -11.80 -4.45 15.99
N ASP B 105 -11.06 -3.52 15.70
N ASP B 105 -11.14 -3.35 15.63
CA ASP B 105 -11.72 -2.36 15.13
CA ASP B 105 -11.82 -2.21 15.03
C ASP B 105 -12.17 -2.65 13.70
C ASP B 105 -12.24 -2.54 13.60
N ILE B 106 -13.48 -2.61 13.47
N ILE B 106 -13.55 -2.53 13.36
CA ILE B 106 -14.04 -2.85 12.14
CA ILE B 106 -14.08 -2.78 12.02
C ILE B 106 -13.49 -1.86 11.11
C ILE B 106 -13.53 -1.80 11.00
N GLN B 107 -13.03 -0.68 11.55
N GLN B 107 -13.05 -0.63 11.45
CA GLN B 107 -12.50 0.30 10.62
CA GLN B 107 -12.47 0.34 10.54
C GLN B 107 -11.31 -0.24 9.83
C GLN B 107 -11.25 -0.21 9.80
N LEU B 108 -10.60 -1.23 10.35
CA LEU B 108 -9.42 -1.81 9.68
C LEU B 108 -9.76 -2.68 8.49
N LEU B 109 -11.05 -2.89 8.21
CA LEU B 109 -11.45 -3.72 7.09
C LEU B 109 -11.03 -3.12 5.76
N LYS B 110 -11.07 -1.79 5.63
CA LYS B 110 -10.65 -1.20 4.36
C LYS B 110 -9.18 -1.49 4.10
N SER B 111 -8.31 -1.29 5.10
CA SER B 111 -6.89 -1.61 4.95
C SER B 111 -6.70 -3.07 4.54
N ALA B 112 -7.46 -3.98 5.15
CA ALA B 112 -7.37 -5.39 4.80
C ALA B 112 -7.68 -5.61 3.32
N TYR B 113 -8.77 -5.02 2.83
CA TYR B 113 -9.11 -5.18 1.43
C TYR B 113 -8.08 -4.55 0.48
N GLU B 114 -7.39 -3.49 0.92
CA GLU B 114 -6.39 -2.87 0.05
C GLU B 114 -5.33 -3.86 -0.39
N ASN B 115 -5.07 -4.90 0.42
CA ASN B 115 -4.09 -5.91 0.01
C ASN B 115 -4.47 -6.55 -1.32
N PHE B 116 -5.77 -6.65 -1.61
CA PHE B 116 -6.20 -7.32 -2.84
C PHE B 116 -5.70 -6.56 -4.07
N ASN B 117 -5.49 -5.24 -3.95
CA ASN B 117 -5.11 -4.43 -5.11
C ASN B 117 -3.72 -4.74 -5.61
N GLN B 118 -2.94 -5.51 -4.87
CA GLN B 118 -1.62 -5.93 -5.30
C GLN B 118 -1.64 -7.15 -6.21
N HIS B 119 -2.83 -7.65 -6.57
CA HIS B 119 -2.98 -8.84 -7.39
C HIS B 119 -4.05 -8.58 -8.44
N GLU B 120 -3.76 -8.92 -9.69
CA GLU B 120 -4.68 -8.54 -10.76
C GLU B 120 -5.99 -9.30 -10.69
N VAL B 121 -5.97 -10.55 -10.20
CA VAL B 121 -7.18 -11.37 -10.09
C VAL B 121 -7.02 -12.30 -8.90
N LEU B 122 -8.10 -12.45 -8.12
CA LEU B 122 -8.10 -13.25 -6.90
C LEU B 122 -9.42 -13.99 -6.74
N LEU B 123 -9.34 -15.20 -6.19
CA LEU B 123 -10.48 -15.91 -5.62
C LEU B 123 -10.46 -15.65 -4.12
N ALA B 124 -11.59 -15.20 -3.55
CA ALA B 124 -11.56 -14.72 -2.18
C ALA B 124 -12.85 -14.96 -1.43
N PRO B 125 -12.78 -15.06 -0.11
CA PRO B 125 -13.96 -14.94 0.75
C PRO B 125 -14.17 -13.48 1.12
N LEU B 126 -15.35 -13.19 1.69
CA LEU B 126 -15.59 -11.88 2.27
C LEU B 126 -14.80 -11.74 3.57
N LEU B 127 -13.96 -10.73 3.63
CA LEU B 127 -13.12 -10.54 4.81
C LEU B 127 -13.95 -10.14 6.01
N SER B 128 -13.53 -10.63 7.17
CA SER B 128 -14.12 -10.36 8.46
C SER B 128 -15.52 -10.94 8.61
N ALA B 129 -16.01 -11.70 7.63
CA ALA B 129 -17.32 -12.33 7.73
C ALA B 129 -17.24 -13.60 8.56
N GLY B 130 -18.40 -14.21 8.77
CA GLY B 130 -18.46 -15.52 9.38
C GLY B 130 -17.95 -15.48 10.81
N ILE B 131 -16.98 -16.35 11.08
CA ILE B 131 -16.45 -16.48 12.43
C ILE B 131 -15.72 -15.22 12.89
N PHE B 132 -15.40 -14.29 11.98
CA PHE B 132 -14.80 -13.01 12.35
C PHE B 132 -15.83 -11.98 12.80
N GLY B 133 -17.13 -12.21 12.57
CA GLY B 133 -18.18 -11.47 13.24
C GLY B 133 -18.66 -10.18 12.60
N ALA B 134 -18.08 -9.75 11.48
CA ALA B 134 -18.57 -8.53 10.86
C ALA B 134 -19.83 -8.82 10.05
N ASP B 135 -20.58 -7.75 9.77
CA ASP B 135 -21.77 -7.87 8.92
C ASP B 135 -21.29 -8.16 7.50
N PRO B 136 -21.65 -9.31 6.91
CA PRO B 136 -21.16 -9.59 5.55
C PRO B 136 -21.65 -8.58 4.52
N ILE B 137 -22.81 -7.95 4.74
CA ILE B 137 -23.26 -6.89 3.84
C ILE B 137 -22.28 -5.74 3.86
N HIS B 138 -21.79 -5.38 5.04
CA HIS B 138 -20.78 -4.33 5.14
C HIS B 138 -19.46 -4.77 4.51
N SER B 139 -19.08 -6.03 4.71
CA SER B 139 -17.83 -6.48 4.10
C SER B 139 -17.89 -6.39 2.60
N LEU B 140 -19.03 -6.74 2.00
CA LEU B 140 -19.18 -6.61 0.55
C LEU B 140 -19.11 -5.14 0.13
N ARG B 141 -19.73 -4.25 0.91
CA ARG B 141 -19.65 -2.82 0.65
C ARG B 141 -18.21 -2.33 0.61
N VAL B 142 -17.45 -2.68 1.65
CA VAL B 142 -16.06 -2.25 1.70
C VAL B 142 -15.26 -2.85 0.55
N CYS B 143 -15.54 -4.12 0.23
CA CYS B 143 -14.87 -4.76 -0.91
C CYS B 143 -15.10 -3.95 -2.19
N VAL B 144 -16.36 -3.67 -2.51
CA VAL B 144 -16.66 -2.97 -3.75
C VAL B 144 -16.06 -1.57 -3.77
N ASP B 145 -16.01 -0.92 -2.62
CA ASP B 145 -15.52 0.45 -2.52
C ASP B 145 -14.01 0.54 -2.39
N THR B 146 -13.31 -0.58 -2.26
CA THR B 146 -11.87 -0.58 -2.02
C THR B 146 -11.09 -1.34 -3.08
N VAL B 147 -11.55 -2.51 -3.47
CA VAL B 147 -10.82 -3.35 -4.41
C VAL B 147 -11.09 -2.84 -5.81
N ARG B 148 -10.01 -2.68 -6.58
CA ARG B 148 -10.09 -2.26 -7.97
C ARG B 148 -9.65 -3.35 -8.93
N THR B 149 -8.90 -4.34 -8.45
CA THR B 149 -8.52 -5.49 -9.25
C THR B 149 -9.70 -6.48 -9.29
N ASN B 150 -9.55 -7.56 -10.04
CA ASN B 150 -10.66 -8.45 -10.30
C ASN B 150 -10.79 -9.46 -9.17
N VAL B 151 -11.87 -9.38 -8.41
CA VAL B 151 -12.08 -10.25 -7.26
C VAL B 151 -13.34 -11.09 -7.48
N TYR B 152 -13.16 -12.40 -7.31
CA TYR B 152 -14.20 -13.42 -7.47
C TYR B 152 -14.49 -13.95 -6.07
N LEU B 153 -15.66 -13.58 -5.54
CA LEU B 153 -16.04 -13.90 -4.16
C LEU B 153 -16.83 -15.20 -4.13
N ALA B 154 -16.44 -16.10 -3.23
CA ALA B 154 -17.14 -17.35 -3.02
C ALA B 154 -17.89 -17.27 -1.68
N VAL B 155 -19.19 -17.48 -1.75
CA VAL B 155 -20.05 -17.46 -0.57
C VAL B 155 -20.68 -18.85 -0.44
N PHE B 156 -20.38 -19.54 0.67
CA PHE B 156 -20.78 -20.94 0.82
C PHE B 156 -22.29 -21.12 0.97
N ASP B 157 -22.92 -20.35 1.86
CA ASP B 157 -24.33 -20.54 2.18
C ASP B 157 -25.19 -19.84 1.16
N LYS B 158 -26.02 -20.60 0.42
CA LYS B 158 -26.94 -20.02 -0.55
C LYS B 158 -27.80 -18.92 0.06
N ASN B 159 -28.22 -19.08 1.31
CA ASN B 159 -29.10 -18.09 1.91
C ASN B 159 -28.36 -16.78 2.18
N LEU B 160 -27.08 -16.84 2.56
CA LEU B 160 -26.30 -15.62 2.70
C LEU B 160 -26.01 -15.01 1.33
N TYR B 161 -25.67 -15.85 0.36
CA TYR B 161 -25.48 -15.37 -1.01
C TYR B 161 -26.69 -14.57 -1.46
N ASP B 162 -27.89 -15.13 -1.27
CA ASP B 162 -29.11 -14.43 -1.70
C ASP B 162 -29.28 -13.11 -0.97
N LYS B 163 -28.98 -13.08 0.34
CA LYS B 163 -29.09 -11.82 1.09
C LYS B 163 -28.11 -10.77 0.56
N LEU B 164 -26.89 -11.20 0.24
CA LEU B 164 -25.87 -10.28 -0.26
C LEU B 164 -26.26 -9.73 -1.63
N VAL B 165 -26.67 -10.60 -2.55
CA VAL B 165 -27.00 -10.17 -3.90
C VAL B 165 -28.27 -9.33 -3.89
N SER B 166 -29.31 -9.81 -3.19
CA SER B 166 -30.59 -9.14 -3.24
C SER B 166 -30.54 -7.76 -2.60
N SER B 167 -29.65 -7.54 -1.65
CA SER B 167 -29.54 -6.25 -0.97
C SER B 167 -28.46 -5.33 -1.55
N PHE B 168 -27.65 -5.81 -2.50
CA PHE B 168 -26.57 -4.98 -3.01
C PHE B 168 -27.10 -3.80 -3.82
N LEU B 169 -28.21 -3.99 -4.51
CA LEU B 169 -28.78 -2.96 -5.36
C LEU B 169 -30.30 -3.07 -5.46
#